data_1S9J
#
_entry.id   1S9J
#
_cell.length_a   81.591
_cell.length_b   81.591
_cell.length_c   129.213
_cell.angle_alpha   90.00
_cell.angle_beta   90.00
_cell.angle_gamma   120.00
#
_symmetry.space_group_name_H-M   'P 62'
#
loop_
_entity.id
_entity.type
_entity.pdbx_description
1 polymer 'Dual specificity mitogen-activated protein kinase kinase 1'
2 non-polymer 'MAGNESIUM ION'
3 non-polymer "ADENOSINE-5'-TRIPHOSPHATE"
4 non-polymer 5-BROMO-N-(2,3-DIHYDROXYPROPOXY)-3,4-DIFLUORO-2-[(2-FLUORO-4-IODOPHENYL)AMINO]BENZAMIDE
5 water water
#
_entity_poly.entity_id   1
_entity_poly.type   'polypeptide(L)'
_entity_poly.pdbx_seq_one_letter_code
;MELKDDDFEKISELGAGNGGVVFKVSHKPSGLVMARKLIHLEIKPAIRNQIIRELQVLHECNSPYIVGFYGAFYSDGEIS
ICMEHMDGGSLDQVLKKAGRIPEQILGKVSIAVIKGLTYLREKHKIMHRDVKPSNILVNSRGEIKLCDFGVSGQLIDSMA
NSFVGTRSYMSPERLQGTHYSVQSDIWSMGLSLVEMAVGRYPIPPPDAKELELMFGCQVEGDAAETPPRPRTPGRPLSSY
GMDSRPPMAIFELLDYIVNEPPPKLPSGVFSLEFQDFVNKCLIKNPAERADLKQLMVHAFIKRSDAEEVDFAGWLCSTIG
LNQPSTPTHAAGVLEHHHHHH
;
_entity_poly.pdbx_strand_id   A
#
# COMPACT_ATOMS: atom_id res chain seq x y z
N MET A 1 9.96 -25.79 1.98
CA MET A 1 8.81 -26.66 2.41
C MET A 1 7.52 -26.25 1.71
N GLU A 2 6.74 -27.24 1.29
CA GLU A 2 5.43 -27.01 0.67
C GLU A 2 4.38 -26.74 1.73
N LEU A 3 3.72 -25.60 1.63
CA LEU A 3 2.67 -25.21 2.58
C LEU A 3 1.36 -25.94 2.26
N LYS A 4 0.64 -26.30 3.31
CA LYS A 4 -0.54 -27.17 3.24
C LYS A 4 -1.57 -26.75 4.28
N ASP A 5 -2.86 -26.91 3.95
CA ASP A 5 -3.94 -26.41 4.80
C ASP A 5 -3.95 -27.00 6.21
N ASP A 6 -3.82 -28.33 6.31
CA ASP A 6 -3.91 -29.01 7.61
C ASP A 6 -2.70 -28.76 8.54
N ASP A 7 -1.62 -28.20 7.99
CA ASP A 7 -0.45 -27.82 8.79
C ASP A 7 -0.54 -26.39 9.37
N PHE A 8 -1.75 -25.88 9.59
CA PHE A 8 -1.94 -24.51 10.11
C PHE A 8 -2.89 -24.46 11.30
N GLU A 9 -2.76 -23.39 12.09
CA GLU A 9 -3.60 -23.17 13.26
C GLU A 9 -3.85 -21.68 13.44
N LYS A 10 -5.12 -21.29 13.56
CA LYS A 10 -5.48 -19.88 13.70
C LYS A 10 -5.12 -19.34 15.09
N ILE A 11 -4.26 -18.33 15.11
CA ILE A 11 -3.94 -17.62 16.35
C ILE A 11 -4.97 -16.52 16.61
N SER A 12 -5.00 -15.52 15.73
CA SER A 12 -5.91 -14.38 15.87
C SER A 12 -6.30 -13.80 14.50
N GLU A 13 -6.95 -12.62 14.52
CA GLU A 13 -7.37 -11.95 13.29
C GLU A 13 -6.62 -10.63 13.12
N LEU A 14 -5.81 -10.54 12.07
CA LEU A 14 -5.00 -9.35 11.80
C LEU A 14 -5.82 -8.21 11.22
N GLY A 15 -6.87 -8.55 10.48
CA GLY A 15 -7.76 -7.56 9.94
C GLY A 15 -8.62 -8.06 8.80
N ALA A 16 -9.25 -7.13 8.10
CA ALA A 16 -10.11 -7.44 6.96
C ALA A 16 -10.30 -6.24 6.05
N GLY A 17 -10.82 -6.50 4.86
CA GLY A 17 -11.15 -5.42 3.95
C GLY A 17 -11.63 -5.92 2.61
N ASN A 18 -12.81 -5.43 2.18
CA ASN A 18 -13.33 -5.68 0.82
C ASN A 18 -13.25 -7.13 0.35
N GLY A 19 -13.40 -8.06 1.29
CA GLY A 19 -13.21 -9.46 1.01
C GLY A 19 -12.74 -10.25 2.21
N GLY A 20 -12.08 -11.37 1.94
CA GLY A 20 -11.68 -12.29 3.00
C GLY A 20 -10.70 -11.69 3.98
N VAL A 21 -10.81 -12.12 5.24
CA VAL A 21 -9.91 -11.66 6.29
C VAL A 21 -8.52 -12.29 6.12
N VAL A 22 -7.56 -11.74 6.86
CA VAL A 22 -6.25 -12.37 6.97
C VAL A 22 -5.99 -12.67 8.45
N PHE A 23 -5.56 -13.89 8.72
CA PHE A 23 -5.32 -14.35 10.08
C PHE A 23 -3.85 -14.36 10.41
N LYS A 24 -3.52 -14.02 11.65
CA LYS A 24 -2.25 -14.40 12.25
C LYS A 24 -2.36 -15.91 12.41
N VAL A 25 -1.36 -16.65 11.96
CA VAL A 25 -1.41 -18.12 11.99
C VAL A 25 -0.10 -18.73 12.44
N SER A 26 -0.13 -20.02 12.70
CA SER A 26 1.04 -20.77 13.11
C SER A 26 1.23 -21.93 12.15
N HIS A 27 2.30 -21.88 11.36
CA HIS A 27 2.70 -23.01 10.57
C HIS A 27 3.33 -24.02 11.51
N LYS A 28 2.56 -25.02 11.89
CA LYS A 28 2.96 -25.97 12.93
C LYS A 28 4.30 -26.68 12.65
N PRO A 29 4.52 -27.16 11.43
CA PRO A 29 5.76 -27.88 11.13
C PRO A 29 7.04 -27.08 11.33
N SER A 30 7.00 -25.78 11.04
CA SER A 30 8.17 -24.90 11.18
C SER A 30 8.15 -24.09 12.47
N GLY A 31 6.99 -23.98 13.10
CA GLY A 31 6.78 -23.10 14.22
C GLY A 31 6.80 -21.61 13.88
N LEU A 32 6.73 -21.29 12.59
CA LEU A 32 6.86 -19.90 12.14
C LEU A 32 5.51 -19.20 12.21
N VAL A 33 5.50 -17.97 12.72
CA VAL A 33 4.30 -17.14 12.69
C VAL A 33 4.19 -16.45 11.33
N MET A 34 3.00 -16.50 10.74
CA MET A 34 2.76 -15.96 9.41
C MET A 34 1.42 -15.24 9.32
N ALA A 35 1.18 -14.59 8.20
CA ALA A 35 -0.11 -13.98 7.89
C ALA A 35 -0.68 -14.74 6.72
N ARG A 36 -1.95 -15.13 6.84
CA ARG A 36 -2.59 -15.98 5.85
C ARG A 36 -3.82 -15.28 5.27
N LYS A 37 -3.67 -14.72 4.07
CA LYS A 37 -4.79 -14.12 3.36
C LYS A 37 -5.58 -15.20 2.64
N LEU A 38 -6.90 -15.17 2.80
CA LEU A 38 -7.79 -16.08 2.09
C LEU A 38 -8.61 -15.28 1.09
N ILE A 39 -8.53 -15.65 -0.17
CA ILE A 39 -9.33 -15.03 -1.22
C ILE A 39 -10.30 -16.06 -1.78
N HIS A 40 -11.57 -15.94 -1.38
CA HIS A 40 -12.62 -16.78 -1.92
C HIS A 40 -12.90 -16.37 -3.36
N LEU A 41 -12.90 -17.35 -4.26
CA LEU A 41 -13.21 -17.12 -5.67
C LEU A 41 -14.07 -18.25 -6.22
N GLU A 42 -15.26 -17.90 -6.69
CA GLU A 42 -16.19 -18.83 -7.30
C GLU A 42 -15.73 -19.09 -8.74
N ILE A 43 -14.75 -19.99 -8.88
CA ILE A 43 -13.97 -20.11 -10.12
C ILE A 43 -13.71 -21.57 -10.50
N LYS A 44 -13.61 -21.82 -11.80
CA LYS A 44 -13.37 -23.16 -12.35
C LYS A 44 -12.03 -23.75 -11.87
N PRO A 45 -11.92 -25.07 -11.83
CA PRO A 45 -10.70 -25.73 -11.34
C PRO A 45 -9.49 -25.57 -12.28
N ALA A 46 -9.72 -25.18 -13.53
CA ALA A 46 -8.64 -25.05 -14.50
C ALA A 46 -7.80 -23.80 -14.25
N ILE A 47 -8.47 -22.65 -14.16
CA ILE A 47 -7.77 -21.37 -14.08
C ILE A 47 -7.23 -21.05 -12.68
N ARG A 48 -7.81 -21.67 -11.66
CA ARG A 48 -7.29 -21.53 -10.30
C ARG A 48 -5.92 -22.18 -10.15
N ASN A 49 -5.62 -23.18 -10.97
CA ASN A 49 -4.28 -23.75 -11.02
C ASN A 49 -3.29 -22.79 -11.66
N GLN A 50 -3.77 -22.03 -12.64
CA GLN A 50 -2.97 -20.99 -13.28
C GLN A 50 -2.60 -19.86 -12.32
N ILE A 51 -3.52 -19.56 -11.39
CA ILE A 51 -3.32 -18.49 -10.43
C ILE A 51 -2.20 -18.85 -9.44
N ILE A 52 -2.20 -20.10 -8.97
CA ILE A 52 -1.15 -20.58 -8.07
C ILE A 52 0.19 -20.63 -8.79
N ARG A 53 0.15 -20.92 -10.09
CA ARG A 53 1.35 -21.05 -10.90
C ARG A 53 2.01 -19.69 -11.08
N GLU A 54 1.17 -18.67 -11.27
CA GLU A 54 1.64 -17.29 -11.45
C GLU A 54 2.05 -16.67 -10.12
N LEU A 55 1.52 -17.19 -9.02
CA LEU A 55 1.87 -16.69 -7.68
C LEU A 55 3.20 -17.21 -7.19
N GLN A 56 3.79 -18.18 -7.90
CA GLN A 56 5.11 -18.70 -7.55
C GLN A 56 6.25 -17.72 -7.79
N VAL A 57 5.98 -16.65 -8.54
CA VAL A 57 7.01 -15.64 -8.78
C VAL A 57 7.28 -14.81 -7.54
N LEU A 58 6.37 -14.87 -6.56
CA LEU A 58 6.55 -14.19 -5.28
C LEU A 58 7.70 -14.77 -4.46
N HIS A 59 8.06 -16.03 -4.75
CA HIS A 59 9.25 -16.65 -4.18
C HIS A 59 10.52 -15.90 -4.60
N GLU A 60 10.57 -15.50 -5.87
CA GLU A 60 11.70 -14.75 -6.41
C GLU A 60 11.66 -13.24 -6.12
N CYS A 61 10.61 -12.78 -5.43
CA CYS A 61 10.49 -11.36 -5.05
C CYS A 61 11.13 -11.11 -3.69
N ASN A 62 12.46 -11.20 -3.65
CA ASN A 62 13.23 -10.94 -2.43
C ASN A 62 13.74 -9.50 -2.41
N SER A 63 13.32 -8.76 -1.38
CA SER A 63 13.69 -7.35 -1.24
C SER A 63 13.31 -6.87 0.16
N PRO A 64 14.12 -5.99 0.75
CA PRO A 64 13.81 -5.46 2.08
C PRO A 64 12.57 -4.56 2.09
N TYR A 65 12.18 -4.03 0.93
CA TYR A 65 10.99 -3.19 0.81
C TYR A 65 9.77 -3.96 0.29
N ILE A 66 9.87 -5.28 0.26
CA ILE A 66 8.78 -6.16 -0.18
C ILE A 66 8.49 -7.23 0.88
N VAL A 67 7.21 -7.39 1.20
CA VAL A 67 6.76 -8.36 2.19
C VAL A 67 7.05 -9.79 1.75
N GLY A 68 7.63 -10.57 2.66
CA GLY A 68 8.09 -11.93 2.36
C GLY A 68 6.98 -12.86 1.94
N PHE A 69 7.34 -13.90 1.19
CA PHE A 69 6.38 -14.88 0.68
C PHE A 69 6.89 -16.28 1.01
N TYR A 70 5.98 -17.12 1.50
CA TYR A 70 6.31 -18.49 1.88
C TYR A 70 5.74 -19.51 0.90
N GLY A 71 4.54 -19.23 0.38
CA GLY A 71 3.91 -20.11 -0.60
C GLY A 71 2.41 -19.88 -0.77
N ALA A 72 1.85 -20.43 -1.84
CA ALA A 72 0.41 -20.35 -2.10
C ALA A 72 -0.19 -21.70 -2.48
N PHE A 73 -1.46 -21.90 -2.13
CA PHE A 73 -2.15 -23.16 -2.38
C PHE A 73 -3.67 -23.02 -2.35
N TYR A 74 -4.36 -23.97 -3.00
CA TYR A 74 -5.83 -24.01 -3.02
C TYR A 74 -6.32 -25.03 -1.99
N SER A 75 -7.00 -24.55 -0.96
CA SER A 75 -7.50 -25.43 0.10
C SER A 75 -8.86 -25.99 -0.29
N ASP A 76 -9.93 -25.23 -0.06
CA ASP A 76 -11.28 -25.71 -0.37
C ASP A 76 -12.25 -24.54 -0.42
N GLY A 77 -12.37 -23.97 -1.63
CA GLY A 77 -13.21 -22.81 -1.85
C GLY A 77 -12.43 -21.51 -1.97
N GLU A 78 -11.27 -21.43 -1.30
CA GLU A 78 -10.47 -20.20 -1.28
C GLU A 78 -8.99 -20.48 -1.47
N ILE A 79 -8.33 -19.69 -2.31
CA ILE A 79 -6.87 -19.74 -2.45
C ILE A 79 -6.21 -19.10 -1.24
N SER A 80 -4.94 -19.43 -1.01
CA SER A 80 -4.22 -18.98 0.17
C SER A 80 -2.89 -18.38 -0.20
N ILE A 81 -2.61 -17.19 0.30
CA ILE A 81 -1.31 -16.56 0.14
C ILE A 81 -0.71 -16.37 1.53
N CYS A 82 0.45 -16.98 1.75
CA CYS A 82 1.12 -16.95 3.04
C CYS A 82 2.32 -16.01 2.98
N MET A 83 2.44 -15.15 3.98
CA MET A 83 3.43 -14.08 3.94
C MET A 83 4.02 -13.76 5.32
N GLU A 84 5.05 -12.92 5.31
CA GLU A 84 5.69 -12.46 6.54
C GLU A 84 4.67 -11.72 7.38
N HIS A 85 4.61 -12.04 8.67
CA HIS A 85 3.73 -11.35 9.59
C HIS A 85 4.41 -10.07 10.04
N MET A 86 3.75 -8.92 9.82
CA MET A 86 4.30 -7.63 10.19
C MET A 86 3.57 -7.12 11.43
N ASP A 87 4.23 -7.25 12.59
CA ASP A 87 3.61 -6.97 13.89
C ASP A 87 3.18 -5.52 14.11
N GLY A 88 3.67 -4.60 13.28
CA GLY A 88 3.26 -3.21 13.34
C GLY A 88 1.95 -2.93 12.61
N GLY A 89 1.59 -3.81 11.67
CA GLY A 89 0.36 -3.66 10.92
C GLY A 89 0.49 -2.70 9.74
N SER A 90 -0.63 -2.44 9.08
CA SER A 90 -0.65 -1.54 7.94
C SER A 90 -0.71 -0.09 8.37
N LEU A 91 -0.34 0.81 7.46
CA LEU A 91 -0.20 2.23 7.78
C LEU A 91 -1.54 2.95 7.99
N ASP A 92 -2.63 2.37 7.50
CA ASP A 92 -3.96 2.92 7.78
C ASP A 92 -4.32 2.72 9.26
N GLN A 93 -3.87 1.61 9.84
CA GLN A 93 -4.07 1.35 11.27
C GLN A 93 -3.26 2.29 12.14
N VAL A 94 -2.00 2.53 11.79
CA VAL A 94 -1.14 3.39 12.62
C VAL A 94 -1.50 4.86 12.47
N LEU A 95 -2.17 5.21 11.38
CA LEU A 95 -2.68 6.57 11.17
C LEU A 95 -3.86 6.86 12.09
N LYS A 96 -4.67 5.84 12.37
CA LYS A 96 -5.81 5.97 13.26
C LYS A 96 -5.37 6.26 14.69
N LYS A 97 -4.39 5.48 15.17
CA LYS A 97 -3.88 5.63 16.52
C LYS A 97 -3.04 6.90 16.69
N ALA A 98 -2.36 7.32 15.63
CA ALA A 98 -1.43 8.45 15.69
C ALA A 98 -2.09 9.79 15.38
N GLY A 99 -3.28 9.77 14.80
CA GLY A 99 -3.94 10.98 14.34
C GLY A 99 -3.33 11.45 13.03
N ARG A 100 -2.14 12.05 13.12
CA ARG A 100 -1.31 12.33 11.96
C ARG A 100 0.01 11.58 12.07
N ILE A 101 0.70 11.45 10.94
CA ILE A 101 2.05 10.91 10.91
C ILE A 101 2.99 12.07 10.57
N PRO A 102 4.04 12.26 11.37
CA PRO A 102 5.00 13.34 11.13
C PRO A 102 5.55 13.35 9.70
N GLU A 103 5.89 14.52 9.19
CA GLU A 103 6.50 14.66 7.87
C GLU A 103 7.80 13.87 7.76
N GLN A 104 8.56 13.82 8.84
CA GLN A 104 9.85 13.15 8.85
C GLN A 104 9.67 11.64 8.67
N ILE A 105 8.63 11.10 9.31
CA ILE A 105 8.31 9.68 9.21
C ILE A 105 7.83 9.30 7.81
N LEU A 106 7.02 10.16 7.21
CA LEU A 106 6.53 9.96 5.85
C LEU A 106 7.65 10.08 4.81
N GLY A 107 8.77 10.69 5.20
CA GLY A 107 9.95 10.74 4.36
C GLY A 107 10.52 9.34 4.20
N LYS A 108 10.67 8.64 5.32
CA LYS A 108 11.22 7.30 5.32
C LYS A 108 10.27 6.32 4.63
N VAL A 109 8.96 6.60 4.73
CA VAL A 109 7.94 5.78 4.07
C VAL A 109 8.04 5.94 2.57
N SER A 110 8.21 7.17 2.12
CA SER A 110 8.34 7.46 0.69
C SER A 110 9.54 6.76 0.07
N ILE A 111 10.63 6.67 0.83
CA ILE A 111 11.83 5.99 0.36
C ILE A 111 11.54 4.51 0.16
N ALA A 112 10.81 3.92 1.10
CA ALA A 112 10.45 2.50 1.04
C ALA A 112 9.53 2.16 -0.14
N VAL A 113 8.61 3.07 -0.46
CA VAL A 113 7.64 2.83 -1.52
C VAL A 113 8.30 2.96 -2.88
N ILE A 114 9.15 3.97 -3.04
CA ILE A 114 9.84 4.20 -4.30
C ILE A 114 10.79 3.06 -4.62
N LYS A 115 11.47 2.54 -3.59
CA LYS A 115 12.44 1.46 -3.77
C LYS A 115 11.75 0.12 -3.99
N GLY A 116 10.52 -0.01 -3.49
CA GLY A 116 9.74 -1.23 -3.66
C GLY A 116 9.15 -1.32 -5.05
N LEU A 117 8.62 -0.19 -5.51
CA LEU A 117 8.08 -0.08 -6.86
C LEU A 117 9.20 -0.21 -7.89
N THR A 118 10.38 0.28 -7.55
CA THR A 118 11.53 0.23 -8.44
C THR A 118 12.00 -1.21 -8.60
N TYR A 119 11.96 -1.96 -7.50
CA TYR A 119 12.37 -3.34 -7.52
C TYR A 119 11.45 -4.18 -8.39
N LEU A 120 10.13 -3.94 -8.27
CA LEU A 120 9.15 -4.72 -9.03
C LEU A 120 9.23 -4.45 -10.53
N ARG A 121 9.45 -3.20 -10.91
CA ARG A 121 9.53 -2.81 -12.31
C ARG A 121 10.78 -3.36 -13.00
N GLU A 122 11.95 -3.14 -12.40
CA GLU A 122 13.22 -3.51 -13.05
C GLU A 122 13.44 -5.02 -13.06
N LYS A 123 13.31 -5.64 -11.89
CA LYS A 123 13.60 -7.06 -11.73
C LYS A 123 12.48 -7.98 -12.22
N HIS A 124 11.23 -7.57 -12.05
CA HIS A 124 10.08 -8.42 -12.39
C HIS A 124 9.10 -7.85 -13.43
N LYS A 125 9.39 -6.67 -13.96
CA LYS A 125 8.61 -6.06 -15.05
C LYS A 125 7.11 -6.01 -14.76
N ILE A 126 6.75 -5.56 -13.57
CA ILE A 126 5.33 -5.42 -13.18
C ILE A 126 5.07 -4.20 -12.32
N MET A 127 3.81 -3.78 -12.32
CA MET A 127 3.34 -2.65 -11.50
C MET A 127 2.54 -3.17 -10.30
N HIS A 128 2.34 -2.29 -9.33
CA HIS A 128 1.64 -2.64 -8.10
C HIS A 128 0.13 -2.77 -8.29
N ARG A 129 -0.48 -1.75 -8.88
CA ARG A 129 -1.93 -1.66 -9.12
C ARG A 129 -2.80 -1.33 -7.89
N ASP A 130 -2.20 -1.22 -6.71
CA ASP A 130 -3.00 -1.04 -5.48
C ASP A 130 -2.18 -0.48 -4.32
N VAL A 131 -1.52 0.65 -4.57
CA VAL A 131 -0.75 1.34 -3.55
C VAL A 131 -1.71 2.17 -2.72
N LYS A 132 -1.78 1.86 -1.44
CA LYS A 132 -2.57 2.63 -0.49
C LYS A 132 -2.10 2.32 0.94
N PRO A 133 -2.47 3.12 1.92
CA PRO A 133 -2.00 2.92 3.29
C PRO A 133 -2.17 1.49 3.83
N SER A 134 -3.24 0.81 3.44
CA SER A 134 -3.51 -0.55 3.92
C SER A 134 -2.57 -1.59 3.33
N ASN A 135 -2.01 -1.32 2.15
CA ASN A 135 -1.04 -2.22 1.51
C ASN A 135 0.42 -1.82 1.74
N ILE A 136 0.67 -0.99 2.75
CA ILE A 136 2.01 -0.66 3.19
C ILE A 136 2.13 -1.13 4.63
N LEU A 137 2.91 -2.18 4.86
CA LEU A 137 3.06 -2.77 6.18
C LEU A 137 4.36 -2.32 6.86
N VAL A 138 4.33 -2.28 8.19
CA VAL A 138 5.50 -1.89 8.98
C VAL A 138 5.65 -2.84 10.17
N ASN A 139 6.87 -2.90 10.71
CA ASN A 139 7.15 -3.76 11.87
C ASN A 139 8.09 -3.12 12.90
N SER A 140 8.39 -3.87 13.95
CA SER A 140 9.11 -3.34 15.11
C SER A 140 10.61 -3.18 14.84
N ARG A 141 11.13 -3.95 13.89
CA ARG A 141 12.50 -3.77 13.41
C ARG A 141 12.69 -2.46 12.65
N GLY A 142 11.59 -1.77 12.32
CA GLY A 142 11.63 -0.50 11.62
C GLY A 142 11.44 -0.63 10.11
N GLU A 143 11.16 -1.85 9.66
CA GLU A 143 11.02 -2.14 8.24
C GLU A 143 9.68 -1.65 7.66
N ILE A 144 9.72 -1.16 6.42
CA ILE A 144 8.55 -0.67 5.71
C ILE A 144 8.47 -1.38 4.37
N LYS A 145 7.44 -2.22 4.21
CA LYS A 145 7.33 -3.11 3.05
C LYS A 145 5.99 -2.98 2.32
N LEU A 146 5.94 -3.51 1.10
CA LEU A 146 4.77 -3.41 0.23
C LEU A 146 4.21 -4.79 -0.01
N CYS A 147 2.89 -4.91 0.07
CA CYS A 147 2.20 -6.16 -0.25
C CYS A 147 1.07 -5.92 -1.26
N ASP A 148 0.42 -7.00 -1.67
CA ASP A 148 -0.79 -6.96 -2.49
C ASP A 148 -0.56 -6.27 -3.84
N PHE A 149 0.47 -6.73 -4.55
CA PHE A 149 0.75 -6.21 -5.89
C PHE A 149 0.37 -7.26 -6.94
N GLY A 150 0.31 -6.82 -8.19
CA GLY A 150 -0.22 -7.64 -9.28
C GLY A 150 0.83 -8.52 -9.94
N VAL A 151 1.05 -9.71 -9.38
CA VAL A 151 2.01 -10.67 -9.95
C VAL A 151 1.31 -11.64 -10.89
N SER A 152 0.03 -11.92 -10.63
CA SER A 152 -0.73 -12.87 -11.43
C SER A 152 -1.78 -12.13 -12.25
N GLY A 153 -1.64 -12.22 -13.57
CA GLY A 153 -2.59 -11.59 -14.48
C GLY A 153 -3.98 -12.19 -14.37
N GLN A 154 -4.06 -13.49 -14.11
CA GLN A 154 -5.34 -14.17 -14.01
C GLN A 154 -6.10 -13.78 -12.75
N LEU A 155 -5.37 -13.43 -11.70
CA LEU A 155 -5.98 -13.01 -10.45
C LEU A 155 -6.52 -11.58 -10.56
N ILE A 156 -5.84 -10.75 -11.34
CA ILE A 156 -6.32 -9.40 -11.62
C ILE A 156 -7.66 -9.47 -12.34
N ASP A 157 -7.78 -10.41 -13.27
CA ASP A 157 -9.03 -10.59 -14.04
C ASP A 157 -10.17 -11.06 -13.15
N SER A 158 -9.89 -12.02 -12.27
CA SER A 158 -10.92 -12.64 -11.45
C SER A 158 -11.44 -11.76 -10.33
N MET A 159 -10.75 -10.66 -10.03
CA MET A 159 -11.14 -9.77 -8.96
C MET A 159 -11.60 -8.39 -9.44
N ALA A 160 -11.68 -8.20 -10.76
CA ALA A 160 -12.11 -6.92 -11.33
C ALA A 160 -13.63 -6.89 -11.43
N VAL A 164 -14.52 -2.56 -4.92
CA VAL A 164 -14.01 -1.24 -5.21
C VAL A 164 -13.81 -0.44 -3.92
N GLY A 165 -14.92 -0.15 -3.23
CA GLY A 165 -14.88 0.67 -2.04
C GLY A 165 -15.12 2.16 -2.31
N THR A 166 -15.62 2.86 -1.30
CA THR A 166 -15.98 4.29 -1.40
C THR A 166 -14.79 5.26 -1.22
N ARG A 167 -13.57 4.73 -1.24
CA ARG A 167 -12.36 5.55 -1.17
C ARG A 167 -11.45 5.08 -2.28
N SER A 168 -11.25 5.93 -3.28
CA SER A 168 -10.44 5.58 -4.43
C SER A 168 -9.05 6.20 -4.35
N TYR A 169 -8.04 5.35 -4.54
CA TYR A 169 -6.66 5.79 -4.71
C TYR A 169 -6.24 5.61 -6.17
N MET A 170 -7.21 5.36 -7.04
CA MET A 170 -6.94 5.17 -8.46
C MET A 170 -6.66 6.51 -9.14
N SER A 171 -5.72 6.49 -10.08
CA SER A 171 -5.36 7.69 -10.81
C SER A 171 -6.51 8.11 -11.71
N PRO A 172 -6.55 9.38 -12.10
CA PRO A 172 -7.53 9.85 -13.07
C PRO A 172 -7.60 9.03 -14.35
N GLU A 173 -6.45 8.61 -14.88
CA GLU A 173 -6.41 7.91 -16.17
C GLU A 173 -6.94 6.48 -16.05
N ARG A 174 -6.70 5.86 -14.90
CA ARG A 174 -7.19 4.51 -14.68
C ARG A 174 -8.70 4.52 -14.47
N LEU A 175 -9.21 5.57 -13.84
CA LEU A 175 -10.65 5.73 -13.65
C LEU A 175 -11.40 5.95 -14.96
N GLN A 176 -10.77 6.63 -15.91
CA GLN A 176 -11.43 7.01 -17.17
C GLN A 176 -11.40 5.91 -18.24
N GLY A 177 -10.40 5.04 -18.18
CA GLY A 177 -10.26 4.02 -19.21
C GLY A 177 -9.11 3.06 -19.01
N THR A 178 -8.70 2.41 -20.10
CA THR A 178 -7.63 1.42 -20.08
C THR A 178 -6.25 2.03 -20.36
N HIS A 179 -6.18 3.36 -20.52
CA HIS A 179 -4.94 4.03 -20.89
C HIS A 179 -4.13 4.42 -19.65
N TYR A 180 -3.60 3.42 -18.96
CA TYR A 180 -2.81 3.60 -17.75
C TYR A 180 -1.74 2.52 -17.65
N SER A 181 -0.73 2.75 -16.81
CA SER A 181 0.36 1.81 -16.59
C SER A 181 1.09 2.13 -15.28
N VAL A 182 2.41 2.11 -15.27
CA VAL A 182 3.19 2.21 -14.02
C VAL A 182 3.08 3.56 -13.33
N GLN A 183 2.78 4.61 -14.09
CA GLN A 183 2.65 5.95 -13.54
C GLN A 183 1.43 6.10 -12.63
N SER A 184 0.43 5.26 -12.85
CA SER A 184 -0.75 5.24 -12.01
C SER A 184 -0.39 5.01 -10.54
N ASP A 185 0.64 4.20 -10.29
CA ASP A 185 1.13 3.93 -8.93
C ASP A 185 1.64 5.18 -8.23
N ILE A 186 2.25 6.10 -8.98
CA ILE A 186 2.77 7.34 -8.43
C ILE A 186 1.65 8.17 -7.85
N TRP A 187 0.55 8.32 -8.60
CA TRP A 187 -0.61 9.06 -8.11
C TRP A 187 -1.10 8.46 -6.81
N SER A 188 -1.23 7.14 -6.77
CA SER A 188 -1.70 6.44 -5.57
C SER A 188 -0.82 6.71 -4.36
N MET A 189 0.49 6.79 -4.59
CA MET A 189 1.45 7.04 -3.52
C MET A 189 1.28 8.46 -3.00
N GLY A 190 1.10 9.40 -3.92
CA GLY A 190 0.99 10.80 -3.57
C GLY A 190 -0.23 11.07 -2.74
N LEU A 191 -1.36 10.47 -3.12
CA LEU A 191 -2.62 10.64 -2.41
C LEU A 191 -2.56 9.99 -1.03
N SER A 192 -1.86 8.85 -0.93
CA SER A 192 -1.68 8.17 0.35
C SER A 192 -0.85 9.01 1.31
N LEU A 193 0.15 9.71 0.78
CA LEU A 193 1.03 10.53 1.61
C LEU A 193 0.31 11.78 2.11
N VAL A 194 -0.63 12.30 1.33
CA VAL A 194 -1.40 13.47 1.73
C VAL A 194 -2.40 13.05 2.81
N GLU A 195 -2.90 11.82 2.71
CA GLU A 195 -3.86 11.32 3.68
C GLU A 195 -3.21 11.16 5.03
N MET A 196 -2.01 10.57 5.04
CA MET A 196 -1.32 10.24 6.28
C MET A 196 -0.79 11.49 6.96
N ALA A 197 -0.45 12.50 6.15
CA ALA A 197 0.08 13.76 6.64
C ALA A 197 -1.01 14.60 7.31
N VAL A 198 -2.19 14.64 6.68
CA VAL A 198 -3.27 15.52 7.09
C VAL A 198 -4.19 14.88 8.16
N GLY A 199 -4.23 13.56 8.21
CA GLY A 199 -5.05 12.85 9.18
C GLY A 199 -6.32 12.24 8.63
N ARG A 200 -6.75 12.67 7.44
CA ARG A 200 -7.92 12.07 6.79
C ARG A 200 -7.83 12.05 5.26
N TYR A 201 -8.73 11.30 4.63
CA TYR A 201 -8.74 11.11 3.18
C TYR A 201 -8.88 12.46 2.46
N PRO A 202 -7.95 12.80 1.56
CA PRO A 202 -7.79 14.17 1.07
C PRO A 202 -8.90 14.72 0.16
N ILE A 203 -9.82 13.90 -0.30
CA ILE A 203 -10.85 14.35 -1.24
C ILE A 203 -12.25 14.17 -0.63
N PRO A 204 -13.03 15.24 -0.50
CA PRO A 204 -12.68 16.59 -0.97
C PRO A 204 -11.73 17.28 -0.01
N PRO A 205 -11.05 18.33 -0.47
CA PRO A 205 -10.07 19.03 0.37
C PRO A 205 -10.75 19.80 1.50
N PRO A 206 -10.08 19.95 2.64
CA PRO A 206 -10.63 20.73 3.76
C PRO A 206 -10.69 22.22 3.42
N ASP A 207 -11.78 22.88 3.82
CA ASP A 207 -11.90 24.34 3.65
C ASP A 207 -10.95 25.08 4.60
N ALA A 208 -10.86 26.40 4.45
CA ALA A 208 -9.97 27.22 5.26
C ALA A 208 -10.23 27.05 6.77
N LYS A 209 -11.50 26.89 7.14
CA LYS A 209 -11.90 26.79 8.54
C LYS A 209 -11.60 25.42 9.18
N GLU A 210 -11.56 24.36 8.37
CA GLU A 210 -11.25 23.03 8.87
C GLU A 210 -9.76 22.87 9.18
N LEU A 211 -8.93 23.61 8.44
CA LEU A 211 -7.48 23.57 8.63
C LEU A 211 -7.01 24.27 9.92
N GLU A 212 -7.88 25.09 10.50
CA GLU A 212 -7.60 25.72 11.79
C GLU A 212 -7.73 24.72 12.95
N LEU A 213 -8.70 23.80 12.83
CA LEU A 213 -8.93 22.78 13.86
C LEU A 213 -7.77 21.80 13.96
N MET A 214 -7.29 21.34 12.82
CA MET A 214 -6.20 20.36 12.76
C MET A 214 -4.89 21.00 13.20
N PHE A 215 -4.48 22.05 12.48
CA PHE A 215 -3.21 22.75 12.73
C PHE A 215 -3.45 24.15 13.28
N PRO A 246 -21.01 15.44 5.11
CA PRO A 246 -21.02 13.97 5.12
C PRO A 246 -20.07 13.36 4.08
N PRO A 247 -19.98 12.04 4.00
CA PRO A 247 -19.19 11.38 2.94
C PRO A 247 -19.82 11.59 1.58
N MET A 248 -18.99 11.64 0.53
CA MET A 248 -19.47 11.89 -0.83
C MET A 248 -20.16 10.65 -1.41
N ALA A 249 -20.95 10.87 -2.46
CA ALA A 249 -21.52 9.77 -3.22
C ALA A 249 -20.45 9.22 -4.14
N ILE A 250 -20.73 8.08 -4.77
CA ILE A 250 -19.71 7.37 -5.54
C ILE A 250 -19.26 8.17 -6.76
N PHE A 251 -20.21 8.61 -7.57
CA PHE A 251 -19.90 9.43 -8.73
C PHE A 251 -19.36 10.81 -8.35
N GLU A 252 -19.90 11.39 -7.28
CA GLU A 252 -19.41 12.67 -6.79
C GLU A 252 -17.90 12.64 -6.48
N LEU A 253 -17.44 11.52 -5.93
CA LEU A 253 -16.05 11.39 -5.52
C LEU A 253 -15.14 11.27 -6.74
N LEU A 254 -15.55 10.43 -7.69
CA LEU A 254 -14.74 10.12 -8.84
C LEU A 254 -14.73 11.25 -9.86
N ASP A 255 -15.75 12.10 -9.81
CA ASP A 255 -15.83 13.27 -10.66
C ASP A 255 -14.87 14.33 -10.16
N TYR A 256 -14.67 14.39 -8.84
CA TYR A 256 -13.71 15.31 -8.25
C TYR A 256 -12.27 14.95 -8.63
N ILE A 257 -11.98 13.65 -8.65
CA ILE A 257 -10.62 13.18 -8.93
C ILE A 257 -10.19 13.53 -10.35
N VAL A 258 -11.09 13.36 -11.32
CA VAL A 258 -10.72 13.49 -12.73
C VAL A 258 -10.86 14.93 -13.26
N ASN A 259 -11.84 15.67 -12.75
CA ASN A 259 -12.18 16.99 -13.29
C ASN A 259 -11.70 18.16 -12.43
N GLU A 260 -11.96 18.08 -11.13
CA GLU A 260 -11.53 19.13 -10.19
C GLU A 260 -10.03 19.04 -9.94
N PRO A 261 -9.39 20.16 -9.60
CA PRO A 261 -7.93 20.18 -9.41
C PRO A 261 -7.51 19.22 -8.29
N PRO A 262 -6.31 18.65 -8.38
CA PRO A 262 -5.86 17.64 -7.41
C PRO A 262 -5.63 18.22 -6.02
N PRO A 263 -5.54 17.37 -5.00
CA PRO A 263 -5.35 17.84 -3.63
C PRO A 263 -3.92 18.32 -3.39
N LYS A 264 -3.79 19.55 -2.90
CA LYS A 264 -2.50 20.08 -2.48
C LYS A 264 -2.32 19.78 -1.00
N LEU A 265 -1.12 20.03 -0.50
CA LEU A 265 -0.81 19.93 0.91
C LEU A 265 -0.88 21.33 1.51
N PRO A 266 -1.44 21.48 2.71
CA PRO A 266 -1.58 22.81 3.33
C PRO A 266 -0.23 23.43 3.67
N SER A 267 -0.02 24.68 3.25
CA SER A 267 1.26 25.35 3.46
C SER A 267 1.45 25.78 4.91
N GLY A 268 2.71 26.03 5.27
CA GLY A 268 3.06 26.51 6.59
C GLY A 268 3.58 25.41 7.49
N VAL A 269 2.70 24.46 7.81
CA VAL A 269 3.04 23.35 8.70
C VAL A 269 3.87 22.27 8.02
N PHE A 270 3.86 22.23 6.68
CA PHE A 270 4.70 21.30 5.93
C PHE A 270 5.74 22.06 5.12
N SER A 271 6.90 21.42 4.92
CA SER A 271 8.02 22.06 4.24
C SER A 271 7.76 22.18 2.76
N LEU A 272 8.49 23.09 2.10
CA LEU A 272 8.31 23.35 0.67
C LEU A 272 8.76 22.17 -0.17
N GLU A 273 9.73 21.41 0.33
CA GLU A 273 10.25 20.23 -0.38
C GLU A 273 9.20 19.12 -0.46
N PHE A 274 8.53 18.87 0.66
CA PHE A 274 7.48 17.86 0.73
C PHE A 274 6.25 18.29 -0.06
N GLN A 275 5.98 19.58 -0.09
CA GLN A 275 4.85 20.13 -0.84
C GLN A 275 5.05 19.94 -2.34
N ASP A 276 6.29 20.12 -2.80
CA ASP A 276 6.61 19.94 -4.21
C ASP A 276 6.69 18.47 -4.59
N PHE A 277 6.97 17.62 -3.62
CA PHE A 277 7.13 16.20 -3.86
C PHE A 277 5.79 15.57 -4.23
N VAL A 278 4.78 15.82 -3.40
CA VAL A 278 3.44 15.30 -3.65
C VAL A 278 2.77 16.02 -4.82
N ASN A 279 3.15 17.28 -5.05
CA ASN A 279 2.65 18.04 -6.19
C ASN A 279 3.06 17.37 -7.50
N LYS A 280 4.29 16.87 -7.55
CA LYS A 280 4.80 16.17 -8.73
C LYS A 280 4.14 14.81 -8.87
N CYS A 281 3.74 14.21 -7.75
CA CYS A 281 3.10 12.90 -7.75
C CYS A 281 1.63 12.97 -8.17
N LEU A 282 1.01 14.14 -8.04
CA LEU A 282 -0.43 14.28 -8.24
C LEU A 282 -0.78 15.13 -9.45
N ILE A 283 0.11 15.15 -10.43
CA ILE A 283 -0.16 15.81 -11.70
C ILE A 283 -1.09 14.89 -12.50
N LYS A 284 -2.31 15.36 -12.76
CA LYS A 284 -3.33 14.56 -13.47
C LYS A 284 -2.79 13.83 -14.69
N ASN A 285 -2.00 14.53 -15.51
CA ASN A 285 -1.44 13.94 -16.71
C ASN A 285 -0.29 13.00 -16.34
N PRO A 286 -0.43 11.71 -16.66
CA PRO A 286 0.57 10.72 -16.23
C PRO A 286 1.93 10.85 -16.92
N ALA A 287 1.95 11.35 -18.16
CA ALA A 287 3.21 11.58 -18.85
C ALA A 287 3.92 12.83 -18.31
N GLU A 288 3.15 13.81 -17.86
CA GLU A 288 3.71 15.02 -17.25
C GLU A 288 4.16 14.75 -15.81
N ARG A 289 3.53 13.75 -15.19
CA ARG A 289 3.77 13.40 -13.80
C ARG A 289 5.13 12.72 -13.65
N ALA A 290 5.76 12.88 -12.50
CA ALA A 290 7.08 12.30 -12.23
C ALA A 290 7.02 10.78 -12.19
N ASP A 291 8.13 10.14 -12.58
CA ASP A 291 8.25 8.69 -12.46
C ASP A 291 9.25 8.35 -11.36
N LEU A 292 9.48 7.05 -11.15
CA LEU A 292 10.32 6.58 -10.05
C LEU A 292 11.75 7.11 -10.17
N LYS A 293 12.23 7.27 -11.39
CA LYS A 293 13.58 7.79 -11.64
C LYS A 293 13.77 9.19 -11.05
N GLN A 294 12.86 10.09 -11.42
CA GLN A 294 12.97 11.50 -11.03
C GLN A 294 12.72 11.72 -9.54
N LEU A 295 11.75 10.98 -8.98
CA LEU A 295 11.39 11.11 -7.57
C LEU A 295 12.49 10.61 -6.65
N MET A 296 13.29 9.67 -7.13
CA MET A 296 14.41 9.12 -6.35
C MET A 296 15.46 10.20 -6.05
N VAL A 297 15.64 11.13 -7.00
CA VAL A 297 16.62 12.21 -6.86
C VAL A 297 15.97 13.55 -6.49
N HIS A 298 14.75 13.50 -5.94
CA HIS A 298 14.03 14.69 -5.50
C HIS A 298 14.63 15.21 -4.20
N ALA A 299 14.53 16.51 -3.98
CA ALA A 299 15.08 17.15 -2.78
C ALA A 299 14.51 16.58 -1.47
N PHE A 300 13.26 16.13 -1.51
CA PHE A 300 12.58 15.59 -0.33
C PHE A 300 13.19 14.25 0.09
N ILE A 301 13.48 13.41 -0.89
CA ILE A 301 14.05 12.09 -0.66
C ILE A 301 15.51 12.17 -0.23
N LYS A 302 16.25 13.10 -0.83
CA LYS A 302 17.66 13.30 -0.50
C LYS A 302 17.82 13.75 0.95
N ARG A 303 16.98 14.69 1.36
CA ARG A 303 16.95 15.17 2.75
C ARG A 303 16.51 14.05 3.72
N SER A 304 15.55 13.24 3.30
CA SER A 304 15.00 12.20 4.17
C SER A 304 15.96 11.04 4.40
N ASP A 305 16.82 10.78 3.42
CA ASP A 305 17.83 9.72 3.51
C ASP A 305 18.83 10.06 4.62
N ALA A 306 19.25 11.31 4.67
CA ALA A 306 20.27 11.76 5.60
C ALA A 306 19.77 11.87 7.04
N GLU A 307 18.46 12.07 7.21
CA GLU A 307 17.91 12.39 8.52
C GLU A 307 18.01 11.23 9.51
N GLU A 308 18.30 11.58 10.76
CA GLU A 308 18.37 10.61 11.86
C GLU A 308 16.96 10.44 12.40
N VAL A 309 16.29 9.38 11.97
CA VAL A 309 14.92 9.12 12.38
C VAL A 309 14.81 7.71 12.95
N ASP A 310 14.47 7.62 14.23
CA ASP A 310 14.23 6.33 14.87
C ASP A 310 12.78 5.92 14.60
N PHE A 311 12.57 5.29 13.45
CA PHE A 311 11.23 4.90 13.02
C PHE A 311 10.69 3.77 13.90
N ALA A 312 11.56 2.87 14.32
CA ALA A 312 11.17 1.74 15.18
C ALA A 312 10.65 2.21 16.54
N GLY A 313 11.25 3.28 17.07
CA GLY A 313 10.86 3.82 18.36
C GLY A 313 9.55 4.58 18.33
N TRP A 314 9.34 5.36 17.27
CA TRP A 314 8.12 6.14 17.10
C TRP A 314 6.91 5.25 16.82
N LEU A 315 7.16 4.14 16.12
CA LEU A 315 6.12 3.20 15.75
C LEU A 315 5.60 2.49 16.98
N CYS A 316 6.51 2.02 17.82
CA CYS A 316 6.17 1.31 19.04
C CYS A 316 5.58 2.22 20.11
N SER A 317 5.90 3.52 20.02
CA SER A 317 5.40 4.51 20.98
C SER A 317 3.92 4.82 20.73
N THR A 318 3.53 4.89 19.46
CA THR A 318 2.19 5.32 19.09
C THR A 318 1.15 4.20 19.11
N ILE A 319 1.57 2.97 18.77
CA ILE A 319 0.67 1.81 18.78
C ILE A 319 0.81 0.96 20.04
N GLY A 320 1.95 1.08 20.73
CA GLY A 320 2.21 0.35 21.95
C GLY A 320 2.54 -1.10 21.69
N LEU A 321 3.83 -1.40 21.54
CA LEU A 321 4.29 -2.76 21.26
C LEU A 321 5.52 -3.13 22.08
N ASN A 322 6.65 -2.47 21.82
CA ASN A 322 7.92 -2.78 22.49
C ASN A 322 8.37 -1.64 23.40
#